data_4JWF
#
_entry.id   4JWF
#
_cell.length_a   51.570
_cell.length_b   73.160
_cell.length_c   119.560
_cell.angle_alpha   90.00
_cell.angle_beta   90.00
_cell.angle_gamma   90.00
#
_symmetry.space_group_name_H-M   'P 21 21 21'
#
loop_
_entity.id
_entity.type
_entity.pdbx_description
1 polymer 'tRNA (guanine(9)-N1)-methyltransferase'
2 non-polymer S-ADENOSYL-L-HOMOCYSTEINE
3 non-polymer 'ACETIC ACID'
4 water water
#
_entity_poly.entity_id   1
_entity_poly.type   'polypeptide(L)'
_entity_poly.pdbx_seq_one_letter_code
;(MSE)GHHHHHH(MSE)AGEVVKSQKKRIRLGKVVPSSIRIVLDCAFDDL(MSE)NDKEINSLCQQVTRCHSANRTALHP
VELFATNFGGRLKTRQDFVLKGQQNNWKRYNPTTKSYLEEFESQKEKLVYLSADSDNTITELDEDKIYIIGAIVDKNRYK
NLCQNKASEQGIKTAKLPIDEYIKITDRKILTVNQVFEILSLWLEYRDWEKAF(MSE)EVIPKRKGILLKSDE
;
_entity_poly.pdbx_strand_id   A,B
#
# COMPACT_ATOMS: atom_id res chain seq x y z
N ARG A 20 21.94 12.50 -5.40
CA ARG A 20 20.58 12.06 -5.76
C ARG A 20 19.91 13.06 -6.70
N ILE A 21 19.22 12.54 -7.70
CA ILE A 21 18.39 13.38 -8.52
C ILE A 21 16.92 12.97 -8.40
N ARG A 22 16.04 13.96 -8.18
CA ARG A 22 14.62 13.67 -8.13
C ARG A 22 13.93 13.91 -9.50
N LEU A 23 13.12 12.93 -9.90
CA LEU A 23 12.52 12.87 -11.23
C LEU A 23 11.08 13.38 -11.31
N GLY A 24 10.85 14.36 -12.19
CA GLY A 24 9.51 14.87 -12.47
C GLY A 24 9.09 16.00 -11.56
N LYS A 25 7.87 16.49 -11.77
CA LYS A 25 7.35 17.65 -11.04
C LYS A 25 6.91 17.31 -9.62
N VAL A 26 7.09 18.27 -8.72
CA VAL A 26 6.66 18.12 -7.34
C VAL A 26 5.14 18.15 -7.25
N VAL A 27 4.55 17.07 -6.74
CA VAL A 27 3.10 17.05 -6.48
C VAL A 27 2.84 16.75 -5.00
N PRO A 28 2.42 17.78 -4.25
CA PRO A 28 2.18 17.62 -2.81
C PRO A 28 1.24 16.46 -2.49
N SER A 29 1.48 15.82 -1.35
CA SER A 29 0.67 14.73 -0.87
C SER A 29 -0.27 15.23 0.22
N SER A 30 -1.38 14.54 0.39
CA SER A 30 -2.37 14.87 1.42
C SER A 30 -2.09 14.24 2.77
N ILE A 31 -1.22 13.23 2.79
CA ILE A 31 -0.77 12.61 4.03
C ILE A 31 -0.27 13.66 5.02
N ARG A 32 -0.73 13.57 6.26
CA ARG A 32 -0.13 14.29 7.39
C ARG A 32 0.84 13.36 8.12
N ILE A 33 1.99 13.89 8.49
CA ILE A 33 2.93 13.14 9.32
C ILE A 33 3.16 13.92 10.60
N VAL A 34 2.93 13.25 11.73
CA VAL A 34 3.03 13.84 13.06
C VAL A 34 4.31 13.38 13.74
N LEU A 35 5.05 14.34 14.28
CA LEU A 35 6.14 13.99 15.18
C LEU A 35 5.64 14.24 16.61
N ASP A 36 5.37 13.14 17.32
CA ASP A 36 4.81 13.20 18.67
C ASP A 36 5.93 13.63 19.61
N CYS A 37 5.84 14.83 20.16
CA CYS A 37 6.93 15.38 20.96
C CYS A 37 6.55 15.41 22.43
N ALA A 38 5.83 14.37 22.88
CA ALA A 38 5.35 14.29 24.26
C ALA A 38 6.33 13.60 25.21
N PHE A 39 7.53 13.27 24.75
CA PHE A 39 8.47 12.46 25.55
C PHE A 39 9.73 13.23 25.91
N ASP A 40 9.58 14.54 25.95
CA ASP A 40 10.60 15.51 26.37
C ASP A 40 11.24 15.14 27.72
N ASP A 41 10.42 14.74 28.70
CA ASP A 41 10.92 14.45 30.05
C ASP A 41 11.70 13.14 30.18
N LEU A 42 11.64 12.30 29.15
CA LEU A 42 12.33 11.01 29.15
C LEU A 42 13.76 11.08 28.62
N ASN A 44 17.75 12.84 28.26
CA ASN A 44 18.82 13.72 28.75
C ASN A 44 19.10 14.81 27.70
N ASP A 45 19.91 15.81 28.06
CA ASP A 45 20.13 16.97 27.17
C ASP A 45 20.75 16.62 25.81
N LYS A 46 21.68 15.66 25.80
CA LYS A 46 22.27 15.17 24.56
C LYS A 46 21.23 14.51 23.64
N GLU A 47 20.24 13.86 24.24
CA GLU A 47 19.18 13.21 23.47
C GLU A 47 18.20 14.23 22.88
N ILE A 48 17.95 15.31 23.63
CA ILE A 48 17.15 16.44 23.13
C ILE A 48 17.82 17.06 21.92
N ASN A 49 19.11 17.33 22.05
CA ASN A 49 19.88 17.96 20.98
C ASN A 49 19.97 17.10 19.72
N SER A 50 20.16 15.80 19.93
CA SER A 50 20.14 14.83 18.85
C SER A 50 18.78 14.82 18.17
N LEU A 51 17.70 14.75 18.97
CA LEU A 51 16.35 14.79 18.42
C LEU A 51 16.04 16.06 17.66
N CYS A 52 16.48 17.20 18.20
CA CYS A 52 16.26 18.50 17.57
C CYS A 52 16.80 18.54 16.15
N GLN A 53 17.97 17.93 15.96
CA GLN A 53 18.63 17.83 14.69
C GLN A 53 17.94 16.84 13.77
N GLN A 54 17.31 15.83 14.37
CA GLN A 54 16.53 14.87 13.61
C GLN A 54 15.24 15.51 13.09
N VAL A 55 14.64 16.38 13.90
CA VAL A 55 13.50 17.18 13.45
C VAL A 55 13.87 18.04 12.24
N THR A 56 15.04 18.69 12.29
CA THR A 56 15.51 19.53 11.18
C THR A 56 15.68 18.70 9.89
N ARG A 57 16.18 17.48 10.01
CA ARG A 57 16.37 16.60 8.85
C ARG A 57 15.07 16.17 8.20
N CYS A 58 14.05 15.88 9.02
CA CYS A 58 12.70 15.61 8.52
C CYS A 58 12.23 16.74 7.61
N HIS A 59 12.32 17.98 8.09
CA HIS A 59 11.91 19.12 7.29
C HIS A 59 12.72 19.22 5.99
N SER A 60 14.04 19.05 6.09
CA SER A 60 14.92 19.04 4.91
C SER A 60 14.50 17.98 3.91
N ALA A 61 14.23 16.78 4.41
CA ALA A 61 13.74 15.68 3.60
C ALA A 61 12.40 16.03 2.97
N ASN A 62 11.54 16.70 3.75
CA ASN A 62 10.22 17.12 3.23
C ASN A 62 10.32 18.22 2.17
N ARG A 63 11.25 19.16 2.38
CA ARG A 63 11.42 20.34 1.53
C ARG A 63 11.85 19.99 0.09
N THR A 64 12.58 18.88 -0.05
CA THR A 64 13.08 18.45 -1.37
C THR A 64 12.37 17.16 -1.84
N ALA A 65 11.29 16.79 -1.16
CA ALA A 65 10.55 15.59 -1.51
C ALA A 65 9.78 15.81 -2.81
N LEU A 66 9.57 14.74 -3.57
CA LEU A 66 8.73 14.81 -4.75
C LEU A 66 7.29 15.00 -4.31
N HIS A 67 6.91 14.36 -3.20
CA HIS A 67 5.57 14.49 -2.63
C HIS A 67 5.64 14.96 -1.17
N PRO A 68 5.86 16.26 -0.96
CA PRO A 68 5.90 16.77 0.42
C PRO A 68 4.58 16.53 1.15
N VAL A 69 4.68 16.21 2.43
CA VAL A 69 3.53 15.95 3.30
C VAL A 69 3.29 17.18 4.17
N GLU A 70 2.16 17.23 4.85
CA GLU A 70 1.98 18.22 5.89
C GLU A 70 2.62 17.66 7.15
N LEU A 71 3.66 18.33 7.62
CA LEU A 71 4.40 17.88 8.79
C LEU A 71 3.92 18.57 10.06
N PHE A 72 3.53 17.78 11.06
CA PHE A 72 3.12 18.31 12.35
C PHE A 72 4.14 17.98 13.44
N ALA A 73 4.21 18.83 14.45
CA ALA A 73 4.92 18.51 15.68
C ALA A 73 4.00 18.79 16.87
N THR A 74 3.51 17.72 17.50
CA THR A 74 2.52 17.84 18.57
C THR A 74 3.15 17.73 19.95
N ASN A 75 2.43 18.26 20.95
CA ASN A 75 2.98 18.44 22.29
C ASN A 75 4.33 19.15 22.26
N PHE A 76 4.51 20.00 21.25
CA PHE A 76 5.80 20.66 21.06
C PHE A 76 6.02 21.76 22.09
N GLY A 77 7.19 21.76 22.72
CA GLY A 77 7.48 22.71 23.77
C GLY A 77 8.70 22.23 24.53
N GLY A 78 8.83 22.70 25.76
CA GLY A 78 9.88 22.23 26.66
C GLY A 78 11.27 22.43 26.11
N ARG A 79 12.21 21.61 26.58
CA ARG A 79 13.61 21.71 26.17
C ARG A 79 13.84 21.58 24.66
N LEU A 80 13.02 20.77 23.99
CA LEU A 80 13.19 20.58 22.56
C LEU A 80 12.97 21.92 21.83
N LYS A 81 11.90 22.61 22.20
CA LYS A 81 11.54 23.91 21.64
C LYS A 81 12.68 24.92 21.85
N THR A 82 13.16 24.99 23.08
CA THR A 82 14.24 25.89 23.46
C THR A 82 15.49 25.60 22.64
N ARG A 83 15.82 24.32 22.50
CA ARG A 83 17.00 23.91 21.75
C ARG A 83 16.87 24.30 20.27
N GLN A 84 15.68 24.09 19.71
CA GLN A 84 15.42 24.46 18.32
C GLN A 84 15.64 25.96 18.08
N ASP A 85 15.06 26.80 18.93
CA ASP A 85 15.25 28.25 18.77
C ASP A 85 16.71 28.70 18.91
N PHE A 86 17.43 28.08 19.84
CA PHE A 86 18.84 28.36 20.07
C PHE A 86 19.73 27.98 18.86
N VAL A 87 19.42 26.85 18.22
CA VAL A 87 20.19 26.38 17.08
C VAL A 87 19.78 27.10 15.78
N LEU A 88 18.48 27.37 15.61
CA LEU A 88 17.97 27.89 14.35
C LEU A 88 17.62 29.40 14.36
N LYS A 89 17.66 29.98 15.56
CA LYS A 89 17.52 31.43 15.74
C LYS A 89 16.35 32.04 14.97
N GLY A 90 15.22 31.33 14.98
CA GLY A 90 14.00 31.83 14.37
C GLY A 90 13.67 31.23 13.01
N GLN A 91 14.61 30.55 12.42
CA GLN A 91 14.42 29.99 11.10
C GLN A 91 13.22 29.07 10.98
N GLN A 92 12.90 28.33 12.03
CA GLN A 92 11.79 27.42 11.99
C GLN A 92 10.42 28.02 11.62
N ASN A 93 10.23 29.32 11.88
CA ASN A 93 9.03 30.07 11.49
C ASN A 93 8.85 30.19 9.98
N ASN A 94 9.96 30.19 9.24
CA ASN A 94 9.88 30.34 7.80
C ASN A 94 9.66 29.02 7.08
N TRP A 95 9.59 27.91 7.83
CA TRP A 95 9.40 26.56 7.26
C TRP A 95 7.97 26.35 6.78
N LYS A 96 7.84 25.80 5.58
CA LYS A 96 6.54 25.55 4.98
C LYS A 96 6.11 24.11 5.22
N ARG A 97 4.79 23.87 5.17
CA ARG A 97 4.21 22.55 5.45
C ARG A 97 4.69 22.02 6.81
N TYR A 98 4.90 22.95 7.74
CA TYR A 98 5.40 22.66 9.08
C TYR A 98 4.45 23.26 10.12
N ASN A 99 3.99 22.42 11.05
CA ASN A 99 2.97 22.83 11.99
C ASN A 99 3.28 22.43 13.43
N PRO A 100 4.08 23.24 14.12
CA PRO A 100 4.30 22.91 15.52
C PRO A 100 3.12 23.40 16.36
N THR A 101 2.74 22.62 17.37
CA THR A 101 1.64 22.99 18.24
C THR A 101 1.79 22.37 19.63
N THR A 102 1.34 23.10 20.63
CA THR A 102 1.36 22.63 22.02
C THR A 102 0.32 21.54 22.23
N LYS A 103 -0.64 21.46 21.31
CA LYS A 103 -1.68 20.44 21.37
C LYS A 103 -1.14 19.03 21.12
N SER A 104 -1.76 18.05 21.76
CA SER A 104 -1.50 16.66 21.48
C SER A 104 -2.07 16.31 20.11
N TYR A 105 -1.62 15.21 19.51
CA TYR A 105 -2.19 14.78 18.24
C TYR A 105 -3.64 14.34 18.40
N LEU A 106 -4.00 13.94 19.62
CA LEU A 106 -5.38 13.57 19.94
C LEU A 106 -6.31 14.78 19.88
N GLU A 107 -5.91 15.89 20.53
CA GLU A 107 -6.66 17.16 20.45
C GLU A 107 -6.70 17.71 19.03
N GLU A 108 -5.53 17.77 18.38
CA GLU A 108 -5.36 18.34 17.05
C GLU A 108 -6.18 17.61 15.97
N PHE A 109 -6.34 16.30 16.12
CA PHE A 109 -7.07 15.48 15.17
C PHE A 109 -8.26 14.75 15.81
N GLU A 110 -8.93 15.39 16.76
CA GLU A 110 -10.18 14.92 17.36
C GLU A 110 -11.20 14.46 16.35
N SER A 111 -11.41 15.23 15.32
CA SER A 111 -12.36 14.87 14.27
C SER A 111 -11.91 13.72 13.38
N GLN A 112 -10.60 13.53 13.27
CA GLN A 112 -10.02 12.56 12.34
C GLN A 112 -9.27 11.44 13.06
N LYS A 113 -9.78 11.07 14.23
CA LYS A 113 -9.19 10.06 15.10
C LYS A 113 -8.98 8.69 14.46
N GLU A 114 -9.93 8.27 13.61
CA GLU A 114 -9.84 6.97 12.95
C GLU A 114 -8.76 6.92 11.85
N LYS A 115 -8.17 8.08 11.55
CA LYS A 115 -7.13 8.20 10.54
C LYS A 115 -5.71 8.16 11.11
N LEU A 116 -5.61 8.10 12.44
CA LEU A 116 -4.30 8.07 13.08
C LEU A 116 -3.69 6.68 12.98
N VAL A 117 -2.42 6.62 12.60
CA VAL A 117 -1.63 5.40 12.67
C VAL A 117 -0.31 5.73 13.33
N TYR A 118 -0.08 5.13 14.50
CA TYR A 118 1.18 5.31 15.20
C TYR A 118 2.18 4.28 14.72
N LEU A 119 3.25 4.74 14.07
CA LEU A 119 4.30 3.83 13.67
C LEU A 119 5.08 3.37 14.88
N SER A 120 5.26 2.06 15.00
CA SER A 120 6.02 1.49 16.11
C SER A 120 6.66 0.18 15.69
N ALA A 121 7.91 -0.03 16.10
CA ALA A 121 8.61 -1.27 15.81
C ALA A 121 8.02 -2.44 16.62
N ASP A 122 7.19 -2.14 17.62
CA ASP A 122 6.65 -3.16 18.53
C ASP A 122 5.23 -3.60 18.12
N SER A 123 4.77 -3.14 16.97
CA SER A 123 3.41 -3.44 16.53
C SER A 123 3.28 -4.84 15.97
N ASP A 124 2.10 -5.45 16.17
CA ASP A 124 1.77 -6.72 15.50
C ASP A 124 1.53 -6.48 14.01
N ASN A 125 0.98 -5.31 13.68
CA ASN A 125 0.70 -4.92 12.29
C ASN A 125 1.93 -4.52 11.50
N THR A 126 1.88 -4.71 10.18
CA THR A 126 2.91 -4.22 9.30
C THR A 126 2.29 -3.29 8.27
N ILE A 127 2.95 -2.15 8.07
CA ILE A 127 2.52 -1.14 7.12
C ILE A 127 3.03 -1.59 5.74
N THR A 128 2.13 -1.73 4.78
CA THR A 128 2.54 -2.11 3.43
C THR A 128 2.43 -0.93 2.47
N GLU A 129 1.45 -0.07 2.70
CA GLU A 129 1.14 1.02 1.80
C GLU A 129 0.67 2.24 2.61
N LEU A 130 1.09 3.43 2.18
CA LEU A 130 0.64 4.66 2.82
C LEU A 130 -0.60 5.20 2.13
N ASP A 131 -1.64 5.45 2.89
CA ASP A 131 -2.89 6.00 2.34
C ASP A 131 -2.90 7.51 2.44
N GLU A 132 -3.30 8.18 1.36
CA GLU A 132 -3.40 9.64 1.29
C GLU A 132 -4.34 10.24 2.35
N ASP A 133 -5.30 9.46 2.83
CA ASP A 133 -6.26 9.93 3.84
C ASP A 133 -5.77 9.76 5.31
N LYS A 134 -4.67 9.05 5.50
CA LYS A 134 -4.21 8.69 6.84
C LYS A 134 -3.22 9.70 7.44
N ILE A 135 -3.04 9.60 8.76
CA ILE A 135 -2.18 10.48 9.53
C ILE A 135 -1.20 9.61 10.30
N TYR A 136 0.06 9.62 9.88
CA TYR A 136 1.07 8.74 10.48
C TYR A 136 1.89 9.48 11.53
N ILE A 137 2.05 8.81 12.67
CA ILE A 137 2.71 9.39 13.82
C ILE A 137 4.06 8.73 14.04
N ILE A 138 5.08 9.55 14.23
CA ILE A 138 6.40 9.09 14.60
C ILE A 138 6.68 9.59 16.01
N GLY A 139 7.04 8.68 16.91
CA GLY A 139 7.37 9.07 18.28
C GLY A 139 8.63 9.90 18.26
N ALA A 140 8.53 11.14 18.71
CA ALA A 140 9.70 12.03 18.74
C ALA A 140 10.51 11.76 20.00
N ILE A 141 11.33 10.71 19.93
CA ILE A 141 12.20 10.33 21.04
C ILE A 141 13.48 9.61 20.60
N VAL A 142 14.59 10.00 21.21
CA VAL A 142 15.85 9.28 21.11
C VAL A 142 16.04 8.56 22.43
N ASP A 143 15.85 7.24 22.42
CA ASP A 143 16.00 6.44 23.62
C ASP A 143 16.90 5.22 23.39
N LYS A 144 17.43 5.09 22.19
CA LYS A 144 18.19 3.89 21.78
C LYS A 144 17.35 2.63 22.01
N ASN A 145 16.04 2.78 21.93
CA ASN A 145 15.05 1.71 22.24
C ASN A 145 15.09 1.18 23.69
N ARG A 146 15.66 1.99 24.59
CA ARG A 146 15.65 1.69 26.01
C ARG A 146 14.24 1.53 26.58
N TYR A 147 13.29 2.34 26.09
CA TYR A 147 11.88 2.21 26.49
C TYR A 147 11.11 1.43 25.42
N LYS A 148 11.31 0.11 25.41
CA LYS A 148 10.56 -0.77 24.52
C LYS A 148 9.09 -0.67 24.87
N ASN A 149 8.24 -0.72 23.85
CA ASN A 149 6.78 -0.62 23.96
C ASN A 149 6.16 0.72 24.36
N LEU A 150 7.00 1.73 24.54
CA LEU A 150 6.51 3.05 24.90
C LEU A 150 5.40 3.52 23.96
N CYS A 151 5.69 3.52 22.67
CA CYS A 151 4.77 4.06 21.68
C CYS A 151 3.60 3.11 21.35
N GLN A 152 3.90 1.82 21.28
CA GLN A 152 2.88 0.78 21.11
C GLN A 152 1.84 0.86 22.22
N ASN A 153 2.31 1.10 23.44
CA ASN A 153 1.47 1.14 24.61
C ASN A 153 0.59 2.38 24.68
N LYS A 154 1.19 3.53 24.36
CA LYS A 154 0.48 4.80 24.35
C LYS A 154 -0.69 4.76 23.36
N ALA A 155 -0.39 4.40 22.12
CA ALA A 155 -1.36 4.26 21.04
C ALA A 155 -2.46 3.23 21.36
N SER A 156 -2.08 2.03 21.80
CA SER A 156 -3.06 1.00 22.18
C SER A 156 -4.08 1.55 23.17
N GLU A 157 -3.58 2.09 24.28
CA GLU A 157 -4.43 2.66 25.32
C GLU A 157 -5.34 3.80 24.85
N GLN A 158 -4.92 4.51 23.81
CA GLN A 158 -5.75 5.56 23.22
C GLN A 158 -6.75 4.99 22.21
N GLY A 159 -6.53 3.75 21.79
CA GLY A 159 -7.41 3.08 20.85
C GLY A 159 -7.11 3.36 19.39
N ILE A 160 -5.88 3.81 19.11
CA ILE A 160 -5.47 4.04 17.73
C ILE A 160 -4.54 2.94 17.23
N LYS A 161 -4.63 2.69 15.92
CA LYS A 161 -3.89 1.65 15.24
C LYS A 161 -2.39 1.89 15.26
N THR A 162 -1.61 0.82 15.30
CA THR A 162 -0.16 0.90 15.13
C THR A 162 0.33 0.01 13.98
N ALA A 163 1.56 0.23 13.53
CA ALA A 163 2.15 -0.54 12.45
C ALA A 163 3.66 -0.35 12.46
N LYS A 164 4.38 -1.43 12.17
CA LYS A 164 5.81 -1.37 11.99
C LYS A 164 6.17 -1.27 10.51
N LEU A 165 7.38 -0.81 10.23
CA LEU A 165 7.90 -0.74 8.85
C LEU A 165 8.20 -2.14 8.31
N PRO A 166 7.93 -2.37 7.01
CA PRO A 166 8.15 -3.70 6.45
C PRO A 166 9.63 -3.95 6.16
N ILE A 167 10.49 -3.57 7.10
CA ILE A 167 11.89 -3.98 7.07
C ILE A 167 11.91 -5.38 7.68
N ASP A 168 13.06 -6.05 7.64
CA ASP A 168 13.22 -7.45 8.10
C ASP A 168 12.78 -8.33 6.93
N GLU A 169 12.83 -7.76 5.73
CA GLU A 169 12.95 -8.56 4.52
C GLU A 169 14.29 -7.96 4.12
N TYR A 170 14.63 -6.83 4.75
CA TYR A 170 15.82 -6.04 4.46
C TYR A 170 16.94 -6.10 5.52
N ILE A 171 16.57 -6.03 6.80
CA ILE A 171 17.57 -6.15 7.88
C ILE A 171 17.26 -7.40 8.70
N LYS A 172 18.31 -8.15 9.05
CA LYS A 172 18.14 -9.47 9.66
C LYS A 172 18.50 -9.52 11.15
N ILE A 173 19.79 -9.43 11.46
CA ILE A 173 20.27 -9.68 12.82
C ILE A 173 20.56 -8.39 13.61
N THR A 174 19.73 -8.07 14.60
CA THR A 174 18.52 -8.84 14.93
C THR A 174 17.38 -7.88 15.27
N ASP A 175 17.55 -7.17 16.38
CA ASP A 175 16.63 -6.11 16.80
C ASP A 175 17.26 -4.72 16.62
N ARG A 176 18.02 -4.57 15.54
CA ARG A 176 18.49 -3.26 15.08
C ARG A 176 17.51 -2.76 14.02
N LYS A 177 16.30 -3.30 14.10
CA LYS A 177 15.17 -2.90 13.26
C LYS A 177 14.50 -1.59 13.73
N ILE A 178 15.07 -0.97 14.76
CA ILE A 178 14.54 0.28 15.31
C ILE A 178 15.35 1.48 14.82
N LEU A 179 14.70 2.27 13.97
CA LEU A 179 15.34 3.40 13.29
C LEU A 179 15.17 4.72 14.06
N THR A 180 15.98 5.72 13.69
CA THR A 180 15.85 7.08 14.21
C THR A 180 14.62 7.77 13.59
N VAL A 181 14.18 8.86 14.21
CA VAL A 181 13.02 9.63 13.76
C VAL A 181 13.15 10.05 12.29
N ASN A 182 14.25 10.71 11.95
CA ASN A 182 14.45 11.17 10.57
C ASN A 182 14.58 10.05 9.54
N GLN A 183 15.09 8.90 9.96
CA GLN A 183 15.21 7.74 9.06
C GLN A 183 13.83 7.20 8.66
N VAL A 184 12.93 7.10 9.64
CA VAL A 184 11.57 6.65 9.41
C VAL A 184 10.84 7.63 8.51
N PHE A 185 10.97 8.92 8.81
CA PHE A 185 10.41 9.96 7.95
C PHE A 185 10.99 9.93 6.53
N GLU A 186 12.32 9.85 6.43
CA GLU A 186 12.99 9.81 5.13
C GLU A 186 12.50 8.60 4.31
N ILE A 187 12.30 7.47 5.00
CA ILE A 187 11.78 6.24 4.38
C ILE A 187 10.32 6.38 3.91
N LEU A 188 9.47 6.99 4.73
CA LEU A 188 8.08 7.19 4.35
C LEU A 188 8.02 8.12 3.15
N SER A 189 8.84 9.16 3.16
CA SER A 189 8.86 10.16 2.10
C SER A 189 9.29 9.56 0.77
N LEU A 190 10.40 8.83 0.79
CA LEU A 190 10.89 8.12 -0.39
C LEU A 190 9.91 7.06 -0.91
N TRP A 191 9.15 6.43 -0.01
CA TRP A 191 8.12 5.50 -0.44
C TRP A 191 7.07 6.21 -1.27
N LEU A 192 6.70 7.42 -0.89
CA LEU A 192 5.78 8.20 -1.72
C LEU A 192 6.39 8.45 -3.10
N GLU A 193 7.71 8.60 -3.15
CA GLU A 193 8.45 8.85 -4.38
C GLU A 193 8.62 7.59 -5.23
N TYR A 194 9.06 6.50 -4.61
CA TYR A 194 9.45 5.29 -5.34
C TYR A 194 8.37 4.23 -5.33
N ARG A 195 7.44 4.34 -4.38
CA ARG A 195 6.40 3.31 -4.17
C ARG A 195 7.03 1.92 -4.05
N ASP A 196 8.27 1.90 -3.55
CA ASP A 196 9.06 0.70 -3.41
C ASP A 196 9.79 0.76 -2.07
N TRP A 197 9.55 -0.25 -1.23
CA TRP A 197 10.12 -0.28 0.10
C TRP A 197 11.61 -0.52 0.13
N GLU A 198 12.10 -1.53 -0.59
CA GLU A 198 13.53 -1.86 -0.59
C GLU A 198 14.40 -0.71 -1.11
N LYS A 199 13.97 -0.07 -2.16
CA LYS A 199 14.68 1.08 -2.68
C LYS A 199 14.80 2.16 -1.64
N ALA A 200 13.67 2.51 -1.05
CA ALA A 200 13.62 3.49 0.04
C ALA A 200 14.63 3.14 1.14
N PHE A 201 14.63 1.88 1.58
CA PHE A 201 15.58 1.43 2.60
C PHE A 201 17.03 1.59 2.12
N GLU A 203 18.48 3.70 0.17
CA GLU A 203 19.00 5.06 0.13
C GLU A 203 19.14 5.69 1.50
N VAL A 204 18.24 5.32 2.42
CA VAL A 204 18.28 5.85 3.77
C VAL A 204 19.22 5.02 4.65
N ILE A 205 19.10 3.69 4.53
CA ILE A 205 20.00 2.76 5.21
C ILE A 205 20.79 2.06 4.09
N PRO A 206 22.04 2.50 3.82
CA PRO A 206 22.87 1.80 2.83
C PRO A 206 23.73 0.80 3.57
N ARG B 20 -3.17 -1.40 3.01
CA ARG B 20 -2.31 -0.41 3.72
C ARG B 20 -1.58 -1.04 4.91
N ILE B 21 -2.34 -1.60 5.84
CA ILE B 21 -1.78 -2.24 7.04
C ILE B 21 -2.25 -3.71 7.15
N ARG B 22 -1.30 -4.61 7.40
CA ARG B 22 -1.62 -6.05 7.48
C ARG B 22 -1.20 -6.72 8.80
N LEU B 23 -1.97 -7.70 9.24
CA LEU B 23 -1.67 -8.47 10.46
C LEU B 23 -1.37 -9.96 10.20
N GLY B 24 -0.26 -10.45 10.74
CA GLY B 24 0.05 -11.88 10.71
C GLY B 24 1.29 -12.28 9.94
N LYS B 25 1.62 -13.57 9.95
CA LYS B 25 2.70 -14.09 9.13
C LYS B 25 2.23 -14.22 7.67
N VAL B 26 3.14 -13.99 6.75
CA VAL B 26 2.85 -14.13 5.34
C VAL B 26 2.91 -15.60 4.95
N VAL B 27 1.76 -16.18 4.64
CA VAL B 27 1.71 -17.56 4.14
C VAL B 27 1.17 -17.57 2.73
N PRO B 28 2.01 -17.94 1.74
CA PRO B 28 1.55 -17.99 0.35
C PRO B 28 0.32 -18.88 0.16
N SER B 29 -0.58 -18.45 -0.72
CA SER B 29 -1.79 -19.20 -1.01
C SER B 29 -1.58 -20.04 -2.26
N SER B 30 -2.25 -21.19 -2.33
CA SER B 30 -2.12 -22.05 -3.49
C SER B 30 -3.07 -21.64 -4.62
N ILE B 31 -3.93 -20.67 -4.35
CA ILE B 31 -4.90 -20.20 -5.34
C ILE B 31 -4.19 -19.64 -6.55
N ARG B 32 -4.73 -19.97 -7.72
CA ARG B 32 -4.26 -19.45 -8.98
C ARG B 32 -5.28 -18.45 -9.51
N ILE B 33 -4.77 -17.30 -9.94
CA ILE B 33 -5.61 -16.26 -10.47
C ILE B 33 -5.05 -15.88 -11.79
N VAL B 34 -5.95 -15.85 -12.77
CA VAL B 34 -5.59 -15.72 -14.16
C VAL B 34 -6.18 -14.44 -14.74
N LEU B 35 -5.32 -13.61 -15.30
CA LEU B 35 -5.76 -12.50 -16.13
C LEU B 35 -5.86 -12.99 -17.57
N ASP B 36 -7.08 -12.98 -18.09
CA ASP B 36 -7.35 -13.45 -19.42
C ASP B 36 -7.17 -12.22 -20.30
N CYS B 37 -6.09 -12.22 -21.09
CA CYS B 37 -5.68 -11.06 -21.88
C CYS B 37 -6.00 -11.23 -23.37
N ALA B 38 -7.11 -11.91 -23.66
CA ALA B 38 -7.55 -12.18 -25.02
C ALA B 38 -8.38 -11.08 -25.69
N PHE B 39 -8.36 -9.86 -25.16
CA PHE B 39 -9.34 -8.84 -25.59
C PHE B 39 -8.73 -7.62 -26.29
N ASP B 40 -7.51 -7.80 -26.78
CA ASP B 40 -6.75 -6.77 -27.50
C ASP B 40 -7.59 -6.08 -28.59
N ASP B 41 -8.24 -6.86 -29.45
CA ASP B 41 -9.01 -6.32 -30.57
C ASP B 41 -10.15 -5.38 -30.15
N LEU B 42 -10.53 -5.45 -28.88
CA LEU B 42 -11.66 -4.68 -28.37
C LEU B 42 -11.27 -3.34 -27.75
N ASN B 44 -8.83 0.37 -27.21
CA ASN B 44 -7.97 1.52 -27.53
C ASN B 44 -6.51 1.34 -27.15
N ASP B 45 -5.67 2.23 -27.68
CA ASP B 45 -4.34 2.50 -27.10
C ASP B 45 -4.45 3.06 -25.67
N LYS B 46 -5.46 3.91 -25.42
CA LYS B 46 -5.69 4.47 -24.08
C LYS B 46 -6.11 3.39 -23.08
N GLU B 47 -6.91 2.44 -23.56
CA GLU B 47 -7.38 1.34 -22.75
C GLU B 47 -6.28 0.31 -22.52
N ILE B 48 -5.58 -0.08 -23.58
CA ILE B 48 -4.44 -0.98 -23.46
C ILE B 48 -3.45 -0.47 -22.41
N ASN B 49 -3.21 0.85 -22.42
CA ASN B 49 -2.28 1.47 -21.49
C ASN B 49 -2.78 1.45 -20.05
N SER B 50 -4.05 1.78 -19.86
CA SER B 50 -4.64 1.66 -18.54
C SER B 50 -4.53 0.22 -18.01
N LEU B 51 -4.91 -0.73 -18.84
CA LEU B 51 -4.87 -2.16 -18.49
C LEU B 51 -3.47 -2.55 -18.00
N CYS B 52 -2.45 -2.11 -18.73
CA CYS B 52 -1.06 -2.40 -18.35
C CYS B 52 -0.70 -1.90 -16.96
N GLN B 53 -1.25 -0.75 -16.58
CA GLN B 53 -1.01 -0.19 -15.27
C GLN B 53 -1.81 -0.96 -14.21
N GLN B 54 -3.00 -1.41 -14.60
CA GLN B 54 -3.83 -2.26 -13.74
C GLN B 54 -3.18 -3.62 -13.47
N VAL B 55 -2.59 -4.21 -14.52
CA VAL B 55 -1.84 -5.45 -14.37
C VAL B 55 -0.67 -5.26 -13.40
N THR B 56 0.03 -4.13 -13.53
CA THR B 56 1.12 -3.77 -12.63
C THR B 56 0.65 -3.63 -11.19
N ARG B 57 -0.55 -3.06 -10.97
CA ARG B 57 -1.08 -2.92 -9.61
C ARG B 57 -1.45 -4.27 -8.99
N CYS B 58 -1.80 -5.23 -9.83
CA CYS B 58 -2.08 -6.59 -9.38
C CYS B 58 -0.81 -7.19 -8.81
N HIS B 59 0.28 -7.13 -9.58
CA HIS B 59 1.54 -7.64 -9.12
C HIS B 59 2.02 -6.98 -7.82
N SER B 60 1.87 -5.66 -7.74
CA SER B 60 2.23 -4.88 -6.55
C SER B 60 1.43 -5.30 -5.31
N ALA B 61 0.11 -5.42 -5.46
CA ALA B 61 -0.74 -5.83 -4.35
C ALA B 61 -0.45 -7.27 -3.92
N ASN B 62 -0.09 -8.11 -4.89
CA ASN B 62 0.24 -9.50 -4.60
C ASN B 62 1.60 -9.61 -3.89
N ARG B 63 2.52 -8.70 -4.23
CA ARG B 63 3.82 -8.66 -3.56
C ARG B 63 3.69 -8.40 -2.06
N THR B 64 2.80 -7.50 -1.66
CA THR B 64 2.67 -7.11 -0.26
C THR B 64 1.55 -7.82 0.49
N ALA B 65 0.89 -8.78 -0.18
CA ALA B 65 -0.28 -9.48 0.38
C ALA B 65 0.10 -10.37 1.54
N LEU B 66 -0.83 -10.59 2.46
CA LEU B 66 -0.68 -11.58 3.52
C LEU B 66 -0.62 -12.99 2.90
N HIS B 67 -1.42 -13.21 1.85
CA HIS B 67 -1.40 -14.47 1.15
C HIS B 67 -1.18 -14.25 -0.34
N PRO B 68 0.09 -14.20 -0.76
CA PRO B 68 0.34 -14.03 -2.19
C PRO B 68 -0.12 -15.26 -2.98
N VAL B 69 -0.65 -15.02 -4.16
CA VAL B 69 -1.16 -16.06 -5.05
C VAL B 69 -0.22 -16.24 -6.24
N GLU B 70 -0.36 -17.35 -6.96
CA GLU B 70 0.32 -17.46 -8.23
C GLU B 70 -0.52 -16.73 -9.27
N LEU B 71 0.06 -15.70 -9.85
CA LEU B 71 -0.63 -14.87 -10.81
C LEU B 71 -0.25 -15.26 -12.24
N PHE B 72 -1.26 -15.48 -13.08
CA PHE B 72 -1.04 -15.84 -14.48
C PHE B 72 -1.62 -14.78 -15.41
N ALA B 73 -0.99 -14.62 -16.56
CA ALA B 73 -1.52 -13.76 -17.61
C ALA B 73 -1.47 -14.57 -18.89
N THR B 74 -2.65 -15.04 -19.30
CA THR B 74 -2.80 -15.93 -20.44
C THR B 74 -3.19 -15.13 -21.67
N ASN B 75 -3.02 -15.72 -22.87
CA ASN B 75 -3.14 -15.00 -24.14
C ASN B 75 -2.35 -13.71 -24.12
N PHE B 76 -1.25 -13.73 -23.38
CA PHE B 76 -0.49 -12.53 -23.13
C PHE B 76 0.38 -12.21 -24.32
N GLY B 77 0.32 -10.96 -24.76
CA GLY B 77 1.17 -10.49 -25.84
C GLY B 77 0.59 -9.28 -26.54
N GLY B 78 0.92 -9.15 -27.82
CA GLY B 78 0.41 -8.08 -28.67
C GLY B 78 0.77 -6.73 -28.12
N ARG B 79 -0.17 -5.79 -28.21
CA ARG B 79 0.06 -4.43 -27.75
C ARG B 79 0.45 -4.36 -26.28
N LEU B 80 -0.22 -5.15 -25.45
CA LEU B 80 -0.06 -5.10 -23.99
C LEU B 80 1.34 -5.49 -23.54
N LYS B 81 1.92 -6.50 -24.21
CA LYS B 81 3.29 -6.94 -23.89
C LYS B 81 4.27 -5.81 -24.13
N THR B 82 4.15 -5.17 -25.30
CA THR B 82 4.96 -4.04 -25.71
C THR B 82 4.92 -2.90 -24.69
N ARG B 83 3.71 -2.59 -24.24
CA ARG B 83 3.46 -1.52 -23.28
C ARG B 83 3.99 -1.89 -21.88
N GLN B 84 4.12 -3.19 -21.63
CA GLN B 84 4.64 -3.67 -20.35
C GLN B 84 6.16 -3.63 -20.28
N ASP B 85 6.80 -3.53 -21.44
CA ASP B 85 8.25 -3.39 -21.53
C ASP B 85 8.65 -1.92 -21.70
N PHE B 86 7.91 -1.22 -22.56
CA PHE B 86 8.08 0.22 -22.77
C PHE B 86 8.14 1.00 -21.45
N VAL B 87 7.13 0.83 -20.62
CA VAL B 87 7.16 1.29 -19.24
C VAL B 87 7.76 0.10 -18.51
N LEU B 88 8.52 0.34 -17.44
CA LEU B 88 9.20 -0.71 -16.69
C LEU B 88 10.11 -1.49 -17.63
N LYS B 89 11.29 -0.92 -17.92
CA LYS B 89 12.22 -1.47 -18.92
C LYS B 89 12.80 -2.84 -18.52
N GLY B 90 12.03 -3.89 -18.76
CA GLY B 90 12.44 -5.25 -18.43
C GLY B 90 12.27 -5.62 -16.96
N GLN B 91 11.86 -4.65 -16.13
CA GLN B 91 11.65 -4.85 -14.70
C GLN B 91 10.62 -5.92 -14.37
N GLN B 92 9.75 -6.21 -15.35
CA GLN B 92 8.71 -7.24 -15.24
C GLN B 92 9.27 -8.65 -15.28
N ASN B 93 10.55 -8.77 -15.66
CA ASN B 93 11.21 -10.09 -15.74
C ASN B 93 11.72 -10.54 -14.38
N ASN B 94 11.84 -9.57 -13.46
CA ASN B 94 12.23 -9.83 -12.08
C ASN B 94 11.02 -9.93 -11.14
N TRP B 95 9.86 -10.20 -11.73
CA TRP B 95 8.60 -10.38 -11.00
C TRP B 95 8.43 -11.83 -10.56
N LYS B 96 8.42 -12.03 -9.25
CA LYS B 96 8.13 -13.35 -8.69
C LYS B 96 6.62 -13.58 -8.73
N ARG B 97 6.22 -14.85 -8.69
CA ARG B 97 4.80 -15.23 -8.59
C ARG B 97 3.95 -14.63 -9.71
N TYR B 98 4.58 -14.52 -10.87
CA TYR B 98 3.99 -13.90 -12.03
C TYR B 98 4.33 -14.76 -13.22
N ASN B 99 3.31 -15.35 -13.83
CA ASN B 99 3.50 -16.35 -14.87
C ASN B 99 2.80 -15.98 -16.18
N PRO B 100 3.43 -15.13 -17.01
CA PRO B 100 2.79 -14.77 -18.28
C PRO B 100 3.01 -15.83 -19.34
N THR B 101 2.10 -15.92 -20.30
CA THR B 101 2.16 -16.89 -21.39
C THR B 101 1.16 -16.56 -22.49
N THR B 102 1.55 -16.87 -23.73
CA THR B 102 0.71 -16.59 -24.91
C THR B 102 -0.39 -17.63 -25.03
N LYS B 103 -0.27 -18.71 -24.25
CA LYS B 103 -1.27 -19.76 -24.25
C LYS B 103 -2.55 -19.21 -23.63
N SER B 104 -3.68 -19.77 -24.05
CA SER B 104 -4.95 -19.46 -23.43
C SER B 104 -5.00 -20.19 -22.08
N TYR B 105 -5.96 -19.82 -21.22
CA TYR B 105 -6.09 -20.47 -19.93
C TYR B 105 -6.63 -21.87 -20.10
N LEU B 106 -7.34 -22.08 -21.21
CA LEU B 106 -7.87 -23.37 -21.53
C LEU B 106 -6.69 -24.31 -21.86
N GLU B 107 -5.67 -23.78 -22.54
CA GLU B 107 -4.45 -24.53 -22.84
C GLU B 107 -3.61 -24.75 -21.58
N GLU B 108 -3.28 -23.65 -20.88
CA GLU B 108 -2.51 -23.69 -19.63
C GLU B 108 -3.06 -24.63 -18.58
N PHE B 109 -4.38 -24.72 -18.48
CA PHE B 109 -5.00 -25.55 -17.45
C PHE B 109 -5.90 -26.65 -18.05
N GLU B 110 -5.52 -27.16 -19.22
CA GLU B 110 -6.21 -28.28 -19.88
C GLU B 110 -6.32 -29.43 -18.91
N SER B 111 -5.25 -29.62 -18.16
CA SER B 111 -5.19 -30.58 -17.08
C SER B 111 -6.27 -30.39 -16.00
N GLN B 112 -6.83 -29.19 -15.88
CA GLN B 112 -7.70 -28.88 -14.75
C GLN B 112 -8.95 -28.03 -15.06
N LYS B 113 -9.52 -28.21 -16.25
CA LYS B 113 -10.66 -27.40 -16.70
C LYS B 113 -11.79 -27.26 -15.69
N GLU B 114 -12.02 -28.28 -14.87
CA GLU B 114 -13.13 -28.24 -13.91
C GLU B 114 -12.84 -27.40 -12.66
N LYS B 115 -11.59 -26.93 -12.54
CA LYS B 115 -11.18 -26.07 -11.44
C LYS B 115 -11.25 -24.58 -11.79
N LEU B 116 -11.57 -24.30 -13.06
CA LEU B 116 -11.66 -22.94 -13.59
C LEU B 116 -12.98 -22.28 -13.21
N VAL B 117 -12.90 -21.08 -12.67
CA VAL B 117 -14.10 -20.26 -12.42
C VAL B 117 -13.85 -18.89 -13.05
N TYR B 118 -14.65 -18.55 -14.06
CA TYR B 118 -14.54 -17.26 -14.67
C TYR B 118 -15.40 -16.27 -13.88
N LEU B 119 -14.75 -15.30 -13.23
CA LEU B 119 -15.47 -14.24 -12.55
C LEU B 119 -16.12 -13.30 -13.56
N SER B 120 -17.39 -13.03 -13.34
CA SER B 120 -18.17 -12.17 -14.20
C SER B 120 -19.27 -11.54 -13.37
N ALA B 121 -19.48 -10.23 -13.52
CA ALA B 121 -20.64 -9.56 -12.87
C ALA B 121 -21.98 -10.04 -13.42
N ASP B 122 -21.96 -10.72 -14.57
CA ASP B 122 -23.19 -11.12 -15.24
C ASP B 122 -23.57 -12.56 -14.94
N SER B 123 -22.89 -13.16 -13.98
CA SER B 123 -23.12 -14.58 -13.70
C SER B 123 -24.44 -14.76 -12.96
N ASP B 124 -25.02 -15.94 -13.11
CA ASP B 124 -26.20 -16.30 -12.32
C ASP B 124 -25.75 -16.87 -10.97
N ASN B 125 -24.45 -17.11 -10.83
CA ASN B 125 -23.91 -17.65 -9.60
C ASN B 125 -23.12 -16.62 -8.82
N THR B 126 -22.76 -16.96 -7.58
CA THR B 126 -22.08 -16.04 -6.66
C THR B 126 -21.00 -16.76 -5.84
N ILE B 127 -19.78 -16.22 -5.86
CA ILE B 127 -18.73 -16.62 -4.90
C ILE B 127 -19.21 -16.33 -3.48
N THR B 128 -19.00 -17.28 -2.57
CA THR B 128 -19.21 -17.04 -1.15
C THR B 128 -17.86 -17.09 -0.43
N GLU B 129 -16.99 -17.96 -0.95
CA GLU B 129 -15.62 -18.13 -0.44
C GLU B 129 -14.70 -18.57 -1.57
N LEU B 130 -13.44 -18.26 -1.43
CA LEU B 130 -12.42 -18.72 -2.36
C LEU B 130 -11.89 -20.07 -1.88
N ASP B 131 -11.79 -21.03 -2.79
CA ASP B 131 -11.22 -22.33 -2.47
C ASP B 131 -9.78 -22.38 -2.97
N GLU B 132 -8.90 -22.92 -2.13
CA GLU B 132 -7.47 -23.05 -2.43
C GLU B 132 -7.18 -23.86 -3.67
N ASP B 133 -8.13 -24.69 -4.08
CA ASP B 133 -7.95 -25.59 -5.21
C ASP B 133 -8.46 -25.02 -6.54
N LYS B 134 -9.24 -23.94 -6.48
CA LYS B 134 -9.84 -23.40 -7.70
C LYS B 134 -8.92 -22.44 -8.40
N ILE B 135 -9.26 -22.15 -9.66
CA ILE B 135 -8.53 -21.22 -10.49
C ILE B 135 -9.51 -20.14 -10.93
N TYR B 136 -9.29 -18.91 -10.47
CA TYR B 136 -10.20 -17.80 -10.77
C TYR B 136 -9.68 -16.94 -11.90
N ILE B 137 -10.56 -16.67 -12.85
CA ILE B 137 -10.22 -15.88 -14.02
C ILE B 137 -10.86 -14.48 -13.98
N ILE B 138 -10.05 -13.47 -14.23
CA ILE B 138 -10.51 -12.09 -14.38
C ILE B 138 -10.31 -11.69 -15.84
N GLY B 139 -11.37 -11.20 -16.48
CA GLY B 139 -11.28 -10.76 -17.87
C GLY B 139 -10.38 -9.53 -17.91
N ALA B 140 -9.23 -9.63 -18.57
CA ALA B 140 -8.30 -8.51 -18.58
C ALA B 140 -8.69 -7.54 -19.68
N ILE B 141 -9.74 -6.77 -19.41
CA ILE B 141 -10.26 -5.82 -20.37
C ILE B 141 -10.62 -4.53 -19.66
N VAL B 142 -10.37 -3.40 -20.31
CA VAL B 142 -10.86 -2.09 -19.84
C VAL B 142 -11.91 -1.52 -20.78
N ASP B 143 -13.18 -1.74 -20.46
CA ASP B 143 -14.25 -1.35 -21.37
C ASP B 143 -15.31 -0.41 -20.82
N LYS B 144 -15.26 -0.12 -19.52
CA LYS B 144 -16.32 0.64 -18.83
C LYS B 144 -17.69 -0.07 -19.01
N ASN B 145 -17.63 -1.40 -18.99
CA ASN B 145 -18.78 -2.29 -19.25
C ASN B 145 -19.58 -2.07 -20.55
N ARG B 146 -18.94 -1.46 -21.54
CA ARG B 146 -19.49 -1.37 -22.90
C ARG B 146 -19.85 -2.75 -23.49
N TYR B 147 -19.05 -3.77 -23.24
CA TYR B 147 -19.34 -5.10 -23.75
C TYR B 147 -19.99 -5.99 -22.70
N LYS B 148 -21.29 -5.81 -22.50
CA LYS B 148 -22.00 -6.56 -21.47
C LYS B 148 -22.11 -8.05 -21.84
N ASN B 149 -21.98 -8.90 -20.83
CA ASN B 149 -22.04 -10.36 -20.96
C ASN B 149 -20.92 -10.97 -21.80
N LEU B 150 -19.85 -10.22 -22.04
CA LEU B 150 -18.76 -10.70 -22.89
C LEU B 150 -18.09 -11.94 -22.25
N CYS B 151 -17.63 -11.77 -21.02
CA CYS B 151 -16.97 -12.82 -20.27
C CYS B 151 -17.96 -13.94 -19.90
N GLN B 152 -19.20 -13.57 -19.57
CA GLN B 152 -20.27 -14.56 -19.37
C GLN B 152 -20.41 -15.48 -20.57
N ASN B 153 -20.46 -14.91 -21.77
CA ASN B 153 -20.70 -15.67 -23.00
C ASN B 153 -19.51 -16.51 -23.35
N LYS B 154 -18.32 -15.97 -23.12
CA LYS B 154 -17.10 -16.68 -23.44
C LYS B 154 -16.99 -17.94 -22.57
N ALA B 155 -17.11 -17.75 -21.25
CA ALA B 155 -16.95 -18.86 -20.32
C ALA B 155 -17.99 -19.98 -20.56
N SER B 156 -19.25 -19.58 -20.67
CA SER B 156 -20.35 -20.52 -20.93
C SER B 156 -20.19 -21.34 -22.23
N GLU B 157 -19.64 -20.72 -23.28
CA GLU B 157 -19.41 -21.42 -24.53
C GLU B 157 -18.29 -22.47 -24.39
N GLN B 158 -17.32 -22.17 -23.53
CA GLN B 158 -16.24 -23.11 -23.22
C GLN B 158 -16.70 -24.16 -22.21
N GLY B 159 -17.90 -23.99 -21.66
CA GLY B 159 -18.39 -24.87 -20.61
C GLY B 159 -17.72 -24.70 -19.26
N ILE B 160 -17.23 -23.50 -18.94
CA ILE B 160 -16.65 -23.32 -17.61
C ILE B 160 -17.58 -22.52 -16.70
N LYS B 161 -17.57 -22.87 -15.42
CA LYS B 161 -18.42 -22.21 -14.42
C LYS B 161 -18.07 -20.71 -14.30
N THR B 162 -19.09 -19.87 -14.10
CA THR B 162 -18.90 -18.45 -13.83
C THR B 162 -19.45 -18.09 -12.46
N ALA B 163 -19.01 -16.96 -11.91
CA ALA B 163 -19.47 -16.50 -10.62
C ALA B 163 -19.23 -15.01 -10.50
N LYS B 164 -20.10 -14.32 -9.79
CA LYS B 164 -19.88 -12.92 -9.46
C LYS B 164 -19.45 -12.77 -8.01
N LEU B 165 -18.89 -11.61 -7.69
CA LEU B 165 -18.50 -11.32 -6.31
C LEU B 165 -19.74 -10.94 -5.48
N PRO B 166 -19.73 -11.28 -4.17
CA PRO B 166 -20.89 -10.96 -3.33
C PRO B 166 -20.81 -9.54 -2.78
N ILE B 167 -20.83 -8.56 -3.70
CA ILE B 167 -20.51 -7.17 -3.39
C ILE B 167 -21.58 -6.16 -3.87
N ASP B 168 -22.73 -6.64 -4.24
CA ASP B 168 -23.83 -5.82 -4.61
C ASP B 168 -24.10 -4.66 -3.63
N GLU B 169 -24.30 -4.98 -2.37
CA GLU B 169 -24.62 -4.01 -1.39
C GLU B 169 -23.60 -2.90 -1.26
N TYR B 170 -22.34 -3.22 -1.43
CA TYR B 170 -21.28 -2.25 -1.26
C TYR B 170 -21.09 -1.39 -2.52
N ILE B 171 -21.46 -1.95 -3.68
CA ILE B 171 -21.52 -1.19 -4.93
C ILE B 171 -22.68 -0.18 -4.92
N LYS B 172 -23.78 -0.57 -4.29
CA LYS B 172 -24.96 0.29 -4.17
C LYS B 172 -24.68 1.55 -3.34
N ILE B 173 -24.06 1.38 -2.17
CA ILE B 173 -23.74 2.54 -1.33
C ILE B 173 -22.70 3.44 -1.98
N THR B 174 -21.86 2.86 -2.84
CA THR B 174 -20.78 3.60 -3.50
C THR B 174 -21.15 4.01 -4.93
N ASP B 175 -20.23 4.69 -5.61
CA ASP B 175 -20.59 5.39 -6.83
C ASP B 175 -20.88 4.55 -8.08
N ARG B 176 -20.04 3.56 -8.37
CA ARG B 176 -20.31 2.70 -9.52
C ARG B 176 -19.90 1.27 -9.50
N LYS B 177 -20.50 0.57 -10.44
CA LYS B 177 -20.18 -0.86 -10.66
C LYS B 177 -19.18 -1.05 -11.82
N ILE B 178 -18.36 -0.05 -12.09
CA ILE B 178 -17.21 -0.27 -12.97
C ILE B 178 -16.01 -0.62 -12.10
N LEU B 179 -15.91 -1.92 -11.78
CA LEU B 179 -14.75 -2.46 -11.08
C LEU B 179 -13.70 -2.89 -12.08
N THR B 180 -12.50 -2.36 -11.92
CA THR B 180 -11.38 -2.66 -12.79
C THR B 180 -10.71 -4.00 -12.45
N VAL B 181 -9.81 -4.43 -13.33
CA VAL B 181 -9.03 -5.66 -13.14
C VAL B 181 -8.30 -5.68 -11.78
N ASN B 182 -7.60 -4.60 -11.45
CA ASN B 182 -6.87 -4.57 -10.19
C ASN B 182 -7.75 -4.53 -8.96
N GLN B 183 -8.91 -3.87 -9.05
CA GLN B 183 -9.80 -3.75 -7.90
C GLN B 183 -10.39 -5.10 -7.56
N VAL B 184 -10.78 -5.85 -8.59
CA VAL B 184 -11.26 -7.22 -8.43
C VAL B 184 -10.18 -8.07 -7.81
N PHE B 185 -8.98 -8.01 -8.38
CA PHE B 185 -7.86 -8.78 -7.85
C PHE B 185 -7.58 -8.45 -6.38
N GLU B 186 -7.56 -7.15 -6.08
CA GLU B 186 -7.24 -6.69 -4.72
C GLU B 186 -8.33 -7.09 -3.76
N ILE B 187 -9.56 -7.23 -4.26
CA ILE B 187 -10.65 -7.62 -3.39
C ILE B 187 -10.49 -9.08 -2.99
N LEU B 188 -10.14 -9.92 -3.97
CA LEU B 188 -9.86 -11.31 -3.73
C LEU B 188 -8.70 -11.44 -2.76
N SER B 189 -7.63 -10.71 -3.03
CA SER B 189 -6.41 -10.74 -2.23
C SER B 189 -6.72 -10.40 -0.79
N LEU B 190 -7.41 -9.27 -0.58
CA LEU B 190 -7.79 -8.88 0.79
C LEU B 190 -8.79 -9.83 1.46
N TRP B 191 -9.66 -10.49 0.67
CA TRP B 191 -10.55 -11.51 1.26
C TRP B 191 -9.78 -12.66 1.91
N LEU B 192 -8.68 -13.08 1.28
CA LEU B 192 -7.83 -14.14 1.87
C LEU B 192 -7.33 -13.72 3.25
N GLU B 193 -7.07 -12.42 3.41
CA GLU B 193 -6.63 -11.89 4.70
C GLU B 193 -7.79 -11.72 5.67
N TYR B 194 -8.86 -11.06 5.24
CA TYR B 194 -9.93 -10.69 6.16
C TYR B 194 -11.01 -11.75 6.32
N ARG B 195 -11.25 -12.54 5.28
CA ARG B 195 -12.37 -13.48 5.20
C ARG B 195 -13.72 -12.77 5.40
N ASP B 196 -13.79 -11.55 4.87
CA ASP B 196 -14.92 -10.65 5.06
C ASP B 196 -14.97 -9.83 3.77
N TRP B 197 -16.07 -9.94 3.03
CA TRP B 197 -16.17 -9.29 1.70
C TRP B 197 -16.37 -7.77 1.84
N GLU B 198 -17.13 -7.34 2.85
CA GLU B 198 -17.32 -5.91 3.12
C GLU B 198 -16.02 -5.18 3.44
N LYS B 199 -15.27 -5.68 4.41
CA LYS B 199 -13.97 -5.10 4.73
C LYS B 199 -13.12 -5.05 3.49
N ALA B 200 -13.03 -6.17 2.76
CA ALA B 200 -12.25 -6.24 1.53
C ALA B 200 -12.67 -5.18 0.51
N PHE B 201 -13.97 -5.08 0.24
CA PHE B 201 -14.46 -4.07 -0.70
C PHE B 201 -14.18 -2.64 -0.24
N GLU B 203 -12.03 -1.44 1.66
CA GLU B 203 -10.61 -1.14 1.56
C GLU B 203 -10.17 -0.74 0.15
N VAL B 204 -10.78 -1.33 -0.87
CA VAL B 204 -10.30 -1.18 -2.26
C VAL B 204 -10.92 0.00 -3.01
N ILE B 205 -12.22 0.21 -2.81
CA ILE B 205 -12.92 1.28 -3.52
C ILE B 205 -13.02 2.48 -2.59
N PRO B 206 -12.31 3.59 -2.93
CA PRO B 206 -12.26 4.79 -2.10
C PRO B 206 -13.62 5.49 -2.02
#